data_8BWV
#
_entry.id   8BWV
#
_cell.length_a   77.297
_cell.length_b   77.297
_cell.length_c   187.690
_cell.angle_alpha   90.000
_cell.angle_beta   90.000
_cell.angle_gamma   90.000
#
_symmetry.space_group_name_H-M   'I 21 21 21'
#
loop_
_entity.id
_entity.type
_entity.pdbx_description
1 polymer SilF
2 polymer SilF
3 non-polymer 'COPPER (II) ION'
4 water water
#
loop_
_entity_poly.entity_id
_entity_poly.type
_entity_poly.pdbx_seq_one_letter_code
_entity_poly.pdbx_strand_id
1 'polypeptide(L)' MVQQVIRGSGVVKAIDMNSKKITISHEAIPAVGWPAMTMRFTFVNADDAIDAINALKTGNHVDFSFIQQGNISLLKSIN A,C
2 'polypeptide(L)' MVQQVIRGSGVVKAIDMNSKKITISHEAIPAVGWPAMTMRFTFVNADDAIDAINALKTGNHVDFSFIQQGNISLLKSINV B,D,E,F
#
# COMPACT_ATOMS: atom_id res chain seq x y z
N MET A 1 -37.87 -0.96 30.98
CA MET A 1 -37.04 0.23 31.28
C MET A 1 -35.59 -0.17 31.64
N VAL A 2 -35.41 -1.15 32.54
CA VAL A 2 -34.11 -1.77 32.80
C VAL A 2 -33.46 -2.06 31.44
N GLN A 3 -32.13 -2.11 31.43
CA GLN A 3 -31.38 -2.19 30.18
C GLN A 3 -31.60 -3.55 29.50
N GLN A 4 -31.80 -3.49 28.17
CA GLN A 4 -32.03 -4.69 27.39
C GLN A 4 -30.82 -5.60 27.44
N VAL A 5 -31.07 -6.89 27.66
CA VAL A 5 -30.08 -7.93 27.46
C VAL A 5 -30.63 -8.89 26.40
N ILE A 6 -30.08 -8.78 25.19
CA ILE A 6 -30.63 -9.41 24.00
C ILE A 6 -29.98 -10.78 23.84
N ARG A 7 -30.85 -11.81 23.71
CA ARG A 7 -30.43 -13.16 23.41
C ARG A 7 -30.34 -13.34 21.89
N GLY A 8 -29.26 -13.98 21.46
CA GLY A 8 -29.00 -14.18 20.05
C GLY A 8 -28.32 -15.51 19.86
N SER A 9 -28.13 -15.86 18.60
CA SER A 9 -27.28 -16.97 18.26
C SER A 9 -26.69 -16.69 16.89
N GLY A 10 -25.57 -17.32 16.63
CA GLY A 10 -24.92 -17.18 15.35
C GLY A 10 -23.59 -17.89 15.34
N VAL A 11 -22.87 -17.68 14.24
CA VAL A 11 -21.54 -18.22 14.03
C VAL A 11 -20.51 -17.11 14.22
N VAL A 12 -19.49 -17.40 15.03
CA VAL A 12 -18.37 -16.48 15.25
C VAL A 12 -17.47 -16.52 14.01
N LYS A 13 -17.26 -15.38 13.35
CA LYS A 13 -16.52 -15.32 12.10
C LYS A 13 -15.18 -14.63 12.24
N ALA A 14 -14.94 -13.93 13.35
CA ALA A 14 -13.70 -13.20 13.52
C ALA A 14 -13.52 -12.86 14.99
N ILE A 15 -12.26 -12.76 15.40
CA ILE A 15 -11.92 -12.29 16.72
C ILE A 15 -10.61 -11.50 16.62
N ASP A 16 -10.50 -10.45 17.45
CA ASP A 16 -9.36 -9.57 17.50
C ASP A 16 -8.97 -9.37 18.96
N MET A 17 -7.83 -9.96 19.32
CA MET A 17 -7.46 -10.00 20.73
C MET A 17 -6.90 -8.66 21.17
N ASN A 18 -6.62 -7.75 20.23
CA ASN A 18 -6.13 -6.40 20.54
C ASN A 18 -7.30 -5.47 20.88
N SER A 19 -8.22 -5.29 19.91
CA SER A 19 -9.35 -4.41 20.11
C SER A 19 -10.42 -5.09 20.99
N LYS A 20 -10.21 -6.39 21.30
CA LYS A 20 -11.10 -7.15 22.17
C LYS A 20 -12.49 -7.24 21.54
N LYS A 21 -12.51 -7.55 20.23
CA LYS A 21 -13.73 -7.49 19.45
C LYS A 21 -13.98 -8.84 18.78
N ILE A 22 -15.25 -9.15 18.57
CA ILE A 22 -15.69 -10.44 18.05
C ILE A 22 -16.74 -10.19 16.98
N THR A 23 -16.61 -10.86 15.83
CA THR A 23 -17.56 -10.76 14.74
C THR A 23 -18.45 -11.99 14.77
N ILE A 24 -19.77 -11.78 14.85
CA ILE A 24 -20.73 -12.88 14.82
C ILE A 24 -21.76 -12.62 13.72
N SER A 25 -22.00 -13.67 12.93
CA SER A 25 -23.08 -13.72 11.97
C SER A 25 -24.33 -14.22 12.67
N HIS A 26 -25.16 -13.28 13.13
CA HIS A 26 -26.22 -13.63 14.05
C HIS A 26 -27.55 -13.86 13.31
N GLU A 27 -28.43 -14.61 13.95
CA GLU A 27 -29.73 -14.89 13.38
C GLU A 27 -30.63 -13.67 13.63
N ALA A 28 -31.76 -13.70 12.92
CA ALA A 28 -32.80 -12.71 13.02
C ALA A 28 -33.28 -12.65 14.46
N ILE A 29 -33.71 -11.48 14.92
CA ILE A 29 -34.35 -11.39 16.21
C ILE A 29 -35.70 -10.71 16.04
N PRO A 30 -36.75 -11.46 15.65
CA PRO A 30 -37.97 -10.82 15.18
C PRO A 30 -38.66 -10.04 16.30
N ALA A 31 -38.43 -10.41 17.56
CA ALA A 31 -39.07 -9.70 18.67
C ALA A 31 -38.77 -8.21 18.64
N VAL A 32 -37.61 -7.82 18.10
CA VAL A 32 -37.22 -6.42 18.03
C VAL A 32 -37.06 -5.92 16.59
N GLY A 33 -37.61 -6.65 15.62
CA GLY A 33 -37.59 -6.20 14.24
C GLY A 33 -36.20 -6.24 13.61
N TRP A 34 -35.31 -7.13 14.07
CA TRP A 34 -33.95 -7.15 13.57
C TRP A 34 -33.73 -8.36 12.66
N PRO A 35 -33.13 -8.18 11.47
CA PRO A 35 -32.81 -9.30 10.57
C PRO A 35 -31.51 -10.01 10.98
N ALA A 36 -31.27 -11.16 10.34
CA ALA A 36 -29.98 -11.82 10.38
C ALA A 36 -28.95 -10.95 9.67
N MET A 37 -27.78 -10.76 10.29
CA MET A 37 -26.68 -10.01 9.68
C MET A 37 -25.39 -10.27 10.46
N THR A 38 -24.28 -9.73 9.94
CA THR A 38 -22.98 -9.86 10.58
C THR A 38 -22.55 -8.54 11.19
N MET A 39 -22.10 -8.56 12.43
CA MET A 39 -21.64 -7.35 13.07
C MET A 39 -20.59 -7.70 14.13
N ARG A 40 -19.91 -6.66 14.63
CA ARG A 40 -18.88 -6.78 15.66
C ARG A 40 -19.42 -6.42 17.04
N PHE A 41 -18.94 -7.13 18.06
CA PHE A 41 -19.26 -6.81 19.43
C PHE A 41 -17.95 -6.58 20.17
N THR A 42 -17.83 -5.54 21.02
CA THR A 42 -16.72 -5.43 21.96
C THR A 42 -17.07 -6.24 23.20
N PHE A 43 -16.23 -7.18 23.65
CA PHE A 43 -16.69 -8.01 24.79
C PHE A 43 -16.42 -7.41 26.18
N VAL A 44 -17.51 -7.33 26.98
CA VAL A 44 -17.63 -6.49 28.17
C VAL A 44 -16.70 -6.96 29.30
N ASN A 45 -16.61 -8.28 29.53
CA ASN A 45 -15.48 -8.89 30.20
C ASN A 45 -14.53 -9.42 29.13
N ALA A 46 -13.25 -9.05 29.24
CA ALA A 46 -12.26 -9.38 28.22
C ALA A 46 -11.88 -10.86 28.24
N ASP A 47 -12.21 -11.56 29.32
CA ASP A 47 -11.87 -12.97 29.49
C ASP A 47 -12.85 -13.83 28.71
N ASP A 48 -13.97 -13.24 28.26
CA ASP A 48 -14.96 -13.89 27.41
C ASP A 48 -14.36 -14.45 26.09
N ALA A 49 -13.25 -13.88 25.63
CA ALA A 49 -12.67 -14.20 24.34
C ALA A 49 -12.39 -15.70 24.16
N ILE A 50 -12.02 -16.40 25.24
CA ILE A 50 -11.44 -17.73 25.11
C ILE A 50 -12.45 -18.67 24.45
N ASP A 51 -13.64 -18.77 25.05
CA ASP A 51 -14.68 -19.68 24.58
C ASP A 51 -15.00 -19.39 23.12
N ALA A 52 -14.98 -18.10 22.75
CA ALA A 52 -15.34 -17.65 21.41
C ALA A 52 -14.38 -18.20 20.36
N ILE A 53 -13.11 -18.35 20.76
CA ILE A 53 -12.12 -18.89 19.84
C ILE A 53 -12.46 -20.35 19.52
N ASN A 54 -12.94 -21.07 20.53
CA ASN A 54 -13.41 -22.44 20.30
C ASN A 54 -14.46 -22.47 19.20
N ALA A 55 -15.49 -21.66 19.39
CA ALA A 55 -16.58 -21.51 18.42
C ALA A 55 -16.06 -21.06 17.06
N LEU A 56 -15.08 -20.15 17.10
CA LEU A 56 -14.49 -19.67 15.87
C LEU A 56 -13.86 -20.83 15.09
N LYS A 57 -13.24 -21.76 15.82
CA LYS A 57 -12.58 -22.92 15.23
C LYS A 57 -13.64 -23.87 14.67
N THR A 58 -14.59 -24.25 15.53
CA THR A 58 -15.59 -25.27 15.23
C THR A 58 -16.54 -24.80 14.12
N GLY A 59 -16.93 -23.51 14.16
CA GLY A 59 -17.88 -22.93 13.22
C GLY A 59 -19.32 -23.25 13.61
N ASN A 60 -19.53 -23.54 14.91
CA ASN A 60 -20.80 -23.98 15.45
C ASN A 60 -21.66 -22.77 15.77
N HIS A 61 -22.97 -22.92 15.63
CA HIS A 61 -23.87 -21.93 16.17
C HIS A 61 -23.64 -21.85 17.68
N VAL A 62 -23.61 -20.64 18.25
CA VAL A 62 -23.56 -20.47 19.68
C VAL A 62 -24.66 -19.52 20.11
N ASP A 63 -25.07 -19.64 21.37
CA ASP A 63 -25.94 -18.69 22.03
C ASP A 63 -25.08 -17.59 22.65
N PHE A 64 -25.65 -16.40 22.74
CA PHE A 64 -24.96 -15.31 23.38
C PHE A 64 -25.97 -14.27 23.80
N SER A 65 -25.55 -13.37 24.71
CA SER A 65 -26.34 -12.20 25.10
C SER A 65 -25.50 -10.96 24.85
N PHE A 66 -26.18 -9.84 24.60
CA PHE A 66 -25.40 -8.64 24.36
C PHE A 66 -26.26 -7.42 24.65
N ILE A 67 -25.59 -6.26 24.79
CA ILE A 67 -26.25 -4.97 24.96
C ILE A 67 -26.02 -4.16 23.71
N GLN A 68 -27.01 -3.35 23.34
CA GLN A 68 -26.93 -2.48 22.19
C GLN A 68 -27.08 -1.03 22.66
N GLN A 69 -25.97 -0.30 22.72
CA GLN A 69 -25.96 1.12 23.12
C GLN A 69 -25.73 1.99 21.90
N GLY A 70 -26.81 2.54 21.34
CA GLY A 70 -26.72 3.38 20.16
C GLY A 70 -26.24 2.58 18.94
N ASN A 71 -24.97 2.77 18.56
CA ASN A 71 -24.36 1.99 17.48
C ASN A 71 -23.41 0.90 18.02
N ILE A 72 -23.01 0.97 19.30
CA ILE A 72 -22.07 0.01 19.88
C ILE A 72 -22.83 -1.24 20.32
N SER A 73 -22.18 -2.41 20.16
CA SER A 73 -22.71 -3.69 20.63
C SER A 73 -21.74 -4.32 21.64
N LEU A 74 -22.20 -4.55 22.88
CA LEU A 74 -21.36 -5.11 23.92
C LEU A 74 -21.77 -6.55 24.19
N LEU A 75 -20.85 -7.49 23.98
CA LEU A 75 -21.11 -8.91 24.20
C LEU A 75 -21.04 -9.18 25.70
N LYS A 76 -22.06 -9.82 26.25
CA LYS A 76 -22.12 -10.03 27.69
C LYS A 76 -21.78 -11.47 28.03
N SER A 77 -22.34 -12.42 27.29
CA SER A 77 -22.09 -13.82 27.59
C SER A 77 -22.10 -14.63 26.31
N ILE A 78 -21.55 -15.84 26.35
CA ILE A 78 -21.46 -16.69 25.17
C ILE A 78 -21.20 -18.12 25.63
N ASN A 79 -21.62 -19.14 24.83
CA ASN A 79 -21.56 -20.53 25.25
C ASN A 79 -20.83 -21.36 24.17
N MET B 1 15.62 -11.00 -8.76
CA MET B 1 14.59 -11.03 -9.83
C MET B 1 13.43 -11.95 -9.44
N VAL B 2 13.71 -13.23 -9.09
CA VAL B 2 12.72 -14.16 -8.58
C VAL B 2 11.93 -13.43 -7.49
N GLN B 3 10.68 -13.84 -7.25
CA GLN B 3 9.82 -13.11 -6.35
C GLN B 3 10.26 -13.32 -4.91
N GLN B 4 10.27 -12.25 -4.11
CA GLN B 4 10.64 -12.31 -2.72
C GLN B 4 9.70 -13.22 -1.94
N VAL B 5 10.27 -14.12 -1.12
CA VAL B 5 9.53 -14.88 -0.13
C VAL B 5 10.11 -14.52 1.24
N ILE B 6 9.37 -13.70 1.99
CA ILE B 6 9.87 -13.07 3.20
C ILE B 6 9.55 -13.96 4.40
N ARG B 7 10.59 -14.28 5.18
CA ARG B 7 10.46 -15.07 6.39
C ARG B 7 10.29 -14.10 7.55
N GLY B 8 9.33 -14.39 8.43
CA GLY B 8 9.10 -13.57 9.60
C GLY B 8 8.69 -14.46 10.76
N SER B 9 8.47 -13.82 11.91
CA SER B 9 7.85 -14.49 13.03
C SER B 9 7.09 -13.43 13.82
N GLY B 10 6.11 -13.89 14.59
CA GLY B 10 5.39 -13.01 15.48
C GLY B 10 4.23 -13.75 16.14
N VAL B 11 3.40 -12.98 16.82
CA VAL B 11 2.23 -13.45 17.52
C VAL B 11 0.97 -13.09 16.73
N VAL B 12 0.10 -14.09 16.55
CA VAL B 12 -1.18 -13.88 15.90
C VAL B 12 -2.12 -13.15 16.87
N LYS B 13 -2.64 -11.99 16.48
CA LYS B 13 -3.44 -11.16 17.38
C LYS B 13 -4.91 -11.09 16.95
N ALA B 14 -5.22 -11.54 15.74
CA ALA B 14 -6.58 -11.48 15.22
C ALA B 14 -6.69 -12.41 14.01
N ILE B 15 -7.90 -12.90 13.77
CA ILE B 15 -8.21 -13.64 12.56
C ILE B 15 -9.66 -13.32 12.16
N ASP B 16 -9.91 -13.28 10.84
CA ASP B 16 -11.20 -12.95 10.28
C ASP B 16 -11.51 -13.97 9.18
N MET B 17 -12.44 -14.85 9.45
CA MET B 17 -12.65 -15.98 8.57
C MET B 17 -13.43 -15.54 7.34
N ASN B 18 -14.02 -14.33 7.37
CA ASN B 18 -14.77 -13.77 6.25
C ASN B 18 -13.83 -13.10 5.24
N SER B 19 -13.08 -12.09 5.70
CA SER B 19 -12.14 -11.40 4.82
C SER B 19 -10.88 -12.24 4.58
N LYS B 20 -10.77 -13.38 5.30
CA LYS B 20 -9.72 -14.37 5.11
C LYS B 20 -8.38 -13.74 5.47
N LYS B 21 -8.36 -13.02 6.60
CA LYS B 21 -7.17 -12.28 7.00
C LYS B 21 -6.74 -12.72 8.40
N ILE B 22 -5.42 -12.64 8.64
CA ILE B 22 -4.82 -12.89 9.94
C ILE B 22 -3.94 -11.70 10.30
N THR B 23 -4.06 -11.23 11.54
CA THR B 23 -3.28 -10.12 12.05
C THR B 23 -2.16 -10.68 12.89
N ILE B 24 -0.91 -10.33 12.55
CA ILE B 24 0.28 -10.81 13.21
C ILE B 24 1.11 -9.60 13.62
N SER B 25 1.51 -9.62 14.90
CA SER B 25 2.47 -8.68 15.43
C SER B 25 3.86 -9.28 15.18
N HIS B 26 4.49 -8.83 14.10
CA HIS B 26 5.67 -9.51 13.60
C HIS B 26 6.94 -8.81 14.12
N GLU B 27 8.04 -9.58 14.13
CA GLU B 27 9.31 -9.04 14.59
C GLU B 27 9.92 -8.23 13.45
N ALA B 28 10.94 -7.45 13.83
CA ALA B 28 11.71 -6.64 12.90
C ALA B 28 12.29 -7.55 11.84
N ILE B 29 12.46 -7.03 10.62
CA ILE B 29 13.18 -7.77 9.60
C ILE B 29 14.28 -6.87 9.07
N PRO B 30 15.45 -6.82 9.72
CA PRO B 30 16.44 -5.78 9.43
C PRO B 30 16.97 -5.90 8.01
N ALA B 31 16.94 -7.11 7.42
CA ALA B 31 17.49 -7.30 6.10
C ALA B 31 16.81 -6.39 5.08
N VAL B 32 15.54 -6.03 5.31
CA VAL B 32 14.79 -5.20 4.40
C VAL B 32 14.38 -3.87 5.03
N GLY B 33 15.01 -3.48 6.13
CA GLY B 33 14.73 -2.20 6.78
C GLY B 33 13.33 -2.11 7.39
N TRP B 34 12.77 -3.24 7.82
CA TRP B 34 11.40 -3.24 8.31
C TRP B 34 11.40 -3.40 9.84
N PRO B 35 10.66 -2.55 10.58
CA PRO B 35 10.59 -2.66 12.04
C PRO B 35 9.57 -3.71 12.46
N ALA B 36 9.58 -4.04 13.75
CA ALA B 36 8.49 -4.81 14.35
C ALA B 36 7.22 -3.97 14.31
N MET B 37 6.11 -4.57 13.87
CA MET B 37 4.82 -3.88 13.80
C MET B 37 3.71 -4.91 13.61
N THR B 38 2.46 -4.43 13.64
CA THR B 38 1.30 -5.28 13.44
C THR B 38 0.67 -5.00 12.07
N MET B 39 0.38 -6.05 11.32
CA MET B 39 -0.25 -5.90 10.02
C MET B 39 -1.03 -7.16 9.68
N ARG B 40 -1.81 -7.13 8.59
CA ARG B 40 -2.71 -8.20 8.19
C ARG B 40 -2.13 -8.97 7.02
N PHE B 41 -2.33 -10.30 7.03
CA PHE B 41 -1.95 -11.14 5.91
C PHE B 41 -3.19 -11.86 5.39
N THR B 42 -3.38 -11.88 4.07
CA THR B 42 -4.42 -12.65 3.42
C THR B 42 -3.95 -14.09 3.27
N PHE B 43 -4.73 -15.05 3.79
CA PHE B 43 -4.44 -16.47 3.64
C PHE B 43 -5.38 -17.08 2.58
N VAL B 44 -4.96 -18.25 2.08
CA VAL B 44 -5.63 -19.02 1.02
C VAL B 44 -6.08 -20.39 1.54
N ASN B 45 -5.24 -21.07 2.34
CA ASN B 45 -5.44 -22.45 2.72
C ASN B 45 -6.06 -22.54 4.12
N ALA B 46 -6.92 -23.54 4.36
CA ALA B 46 -7.69 -23.61 5.58
C ALA B 46 -6.84 -24.12 6.76
N ASP B 47 -5.74 -24.81 6.46
CA ASP B 47 -4.84 -25.33 7.48
C ASP B 47 -4.00 -24.18 8.05
N ASP B 48 -3.91 -23.10 7.28
CA ASP B 48 -3.24 -21.87 7.70
C ASP B 48 -4.16 -21.14 8.69
N ALA B 49 -5.46 -21.05 8.36
CA ALA B 49 -6.41 -20.51 9.33
C ALA B 49 -6.40 -21.35 10.61
N ILE B 50 -6.33 -22.67 10.47
CA ILE B 50 -6.39 -23.54 11.65
C ILE B 50 -5.21 -23.26 12.57
N ASP B 51 -3.99 -23.35 12.01
CA ASP B 51 -2.77 -23.15 12.77
C ASP B 51 -2.81 -21.77 13.45
N ALA B 52 -3.35 -20.78 12.74
CA ALA B 52 -3.37 -19.40 13.20
C ALA B 52 -4.26 -19.26 14.42
N ILE B 53 -5.37 -20.02 14.40
CA ILE B 53 -6.33 -19.97 15.49
C ILE B 53 -5.67 -20.62 16.71
N ASN B 54 -4.89 -21.69 16.48
CA ASN B 54 -4.16 -22.33 17.56
C ASN B 54 -3.27 -21.29 18.22
N ALA B 55 -2.45 -20.65 17.37
CA ALA B 55 -1.50 -19.62 17.80
C ALA B 55 -2.24 -18.47 18.47
N LEU B 56 -3.42 -18.13 17.94
CA LEU B 56 -4.22 -17.06 18.52
C LEU B 56 -4.59 -17.39 19.95
N LYS B 57 -4.89 -18.67 20.21
CA LYS B 57 -5.26 -19.14 21.53
C LYS B 57 -4.04 -19.11 22.44
N THR B 58 -2.97 -19.79 21.99
CA THR B 58 -1.76 -20.00 22.77
C THR B 58 -1.01 -18.69 23.05
N GLY B 59 -0.95 -17.80 22.06
CA GLY B 59 -0.17 -16.58 22.13
C GLY B 59 1.32 -16.82 21.83
N ASN B 60 1.61 -17.90 21.10
CA ASN B 60 2.96 -18.33 20.81
C ASN B 60 3.53 -17.59 19.61
N HIS B 61 4.83 -17.34 19.64
CA HIS B 61 5.51 -16.91 18.44
C HIS B 61 5.36 -18.01 17.40
N VAL B 62 5.11 -17.64 16.15
CA VAL B 62 5.15 -18.58 15.05
C VAL B 62 6.04 -18.04 13.95
N ASP B 63 6.60 -18.95 13.15
CA ASP B 63 7.31 -18.62 11.93
C ASP B 63 6.31 -18.58 10.79
N PHE B 64 6.60 -17.75 9.79
CA PHE B 64 5.74 -17.68 8.63
C PHE B 64 6.53 -17.11 7.48
N SER B 65 6.03 -17.31 6.25
CA SER B 65 6.62 -16.73 5.04
C SER B 65 5.50 -16.03 4.30
N PHE B 66 5.81 -15.01 3.53
CA PHE B 66 4.74 -14.33 2.82
C PHE B 66 5.31 -13.60 1.63
N ILE B 67 4.40 -13.24 0.71
CA ILE B 67 4.70 -12.44 -0.46
C ILE B 67 4.03 -11.08 -0.27
N GLN B 68 4.65 -10.05 -0.84
CA GLN B 68 4.18 -8.68 -0.66
C GLN B 68 3.86 -8.08 -2.02
N GLN B 69 2.56 -8.01 -2.35
CA GLN B 69 2.07 -7.50 -3.63
C GLN B 69 1.43 -6.13 -3.39
N GLY B 70 2.20 -5.05 -3.60
CA GLY B 70 1.73 -3.70 -3.35
C GLY B 70 1.41 -3.49 -1.87
N ASN B 71 0.11 -3.44 -1.54
CA ASN B 71 -0.36 -3.34 -0.18
C ASN B 71 -0.92 -4.64 0.37
N ILE B 72 -1.11 -5.69 -0.45
CA ILE B 72 -1.48 -7.01 0.05
C ILE B 72 -0.23 -7.73 0.57
N SER B 73 -0.42 -8.51 1.67
CA SER B 73 0.55 -9.48 2.14
C SER B 73 -0.06 -10.86 2.10
N LEU B 74 0.47 -11.76 1.26
CA LEU B 74 -0.14 -13.08 1.04
C LEU B 74 0.71 -14.17 1.71
N LEU B 75 0.07 -14.90 2.62
CA LEU B 75 0.74 -15.85 3.46
C LEU B 75 1.05 -17.11 2.67
N LYS B 76 2.32 -17.54 2.75
CA LYS B 76 2.75 -18.72 2.02
C LYS B 76 2.88 -19.91 2.96
N SER B 77 3.41 -19.71 4.16
CA SER B 77 3.47 -20.80 5.12
C SER B 77 3.30 -20.25 6.53
N ILE B 78 2.98 -21.14 7.47
CA ILE B 78 2.91 -20.81 8.88
C ILE B 78 3.08 -22.11 9.68
N ASN B 79 3.78 -22.05 10.84
CA ASN B 79 4.41 -23.22 11.45
C ASN B 79 4.50 -23.05 12.97
N VAL B 80 3.81 -23.89 13.74
CA VAL B 80 4.11 -23.99 15.17
C VAL B 80 5.32 -24.93 15.36
N MET C 1 5.18 -2.30 5.55
CA MET C 1 4.40 -1.32 4.75
C MET C 1 5.34 -0.28 4.11
N VAL C 2 6.15 0.42 4.93
CA VAL C 2 7.17 1.34 4.44
C VAL C 2 7.96 0.59 3.38
N GLN C 3 8.59 1.32 2.45
CA GLN C 3 9.32 0.73 1.34
C GLN C 3 10.56 -0.01 1.84
N GLN C 4 10.78 -1.21 1.28
CA GLN C 4 11.92 -2.03 1.64
C GLN C 4 13.22 -1.31 1.30
N VAL C 5 14.17 -1.32 2.24
CA VAL C 5 15.55 -0.96 1.98
C VAL C 5 16.42 -2.17 2.29
N ILE C 6 16.89 -2.83 1.23
CA ILE C 6 17.50 -4.15 1.30
C ILE C 6 19.00 -3.97 1.47
N ARG C 7 19.55 -4.62 2.51
CA ARG C 7 20.99 -4.68 2.74
C ARG C 7 21.57 -5.87 1.98
N GLY C 8 22.70 -5.63 1.34
CA GLY C 8 23.34 -6.62 0.51
C GLY C 8 24.84 -6.44 0.61
N SER C 9 25.56 -7.38 0.01
CA SER C 9 26.98 -7.21 -0.19
C SER C 9 27.35 -7.98 -1.44
N GLY C 10 28.46 -7.56 -2.04
CA GLY C 10 28.93 -8.21 -3.23
C GLY C 10 30.13 -7.48 -3.79
N VAL C 11 30.55 -7.95 -4.97
CA VAL C 11 31.66 -7.37 -5.72
C VAL C 11 31.09 -6.56 -6.89
N VAL C 12 31.56 -5.33 -7.02
CA VAL C 12 31.20 -4.45 -8.13
C VAL C 12 31.94 -4.93 -9.38
N LYS C 13 31.22 -5.30 -10.45
CA LYS C 13 31.83 -5.89 -11.63
C LYS C 13 31.77 -4.97 -12.85
N ALA C 14 30.99 -3.90 -12.78
CA ALA C 14 30.84 -3.00 -13.91
C ALA C 14 30.24 -1.70 -13.43
N ILE C 15 30.61 -0.62 -14.13
CA ILE C 15 29.99 0.68 -13.91
C ILE C 15 29.91 1.40 -15.26
N ASP C 16 28.84 2.17 -15.43
CA ASP C 16 28.56 2.91 -16.65
C ASP C 16 28.16 4.33 -16.27
N MET C 17 29.04 5.26 -16.56
CA MET C 17 28.85 6.61 -16.08
C MET C 17 27.82 7.34 -16.94
N ASN C 18 27.42 6.76 -18.08
CA ASN C 18 26.39 7.34 -18.94
C ASN C 18 24.99 6.95 -18.44
N SER C 19 24.72 5.65 -18.38
CA SER C 19 23.41 5.18 -17.94
C SER C 19 23.30 5.26 -16.41
N LYS C 20 24.41 5.60 -15.73
CA LYS C 20 24.45 5.77 -14.29
C LYS C 20 24.10 4.46 -13.60
N LYS C 21 24.71 3.37 -14.09
CA LYS C 21 24.35 2.02 -13.69
C LYS C 21 25.59 1.30 -13.18
N ILE C 22 25.36 0.36 -12.24
CA ILE C 22 26.42 -0.37 -11.57
C ILE C 22 26.03 -1.83 -11.51
N THR C 23 26.96 -2.72 -11.87
CA THR C 23 26.74 -4.15 -11.84
C THR C 23 27.43 -4.69 -10.59
N ILE C 24 26.64 -5.40 -9.75
CA ILE C 24 27.17 -6.02 -8.55
C ILE C 24 26.80 -7.50 -8.55
N SER C 25 27.81 -8.32 -8.27
CA SER C 25 27.64 -9.73 -8.01
C SER C 25 27.34 -9.91 -6.52
N HIS C 26 26.06 -10.00 -6.18
CA HIS C 26 25.65 -9.87 -4.80
C HIS C 26 25.48 -11.25 -4.16
N GLU C 27 25.58 -11.27 -2.83
CA GLU C 27 25.39 -12.51 -2.08
C GLU C 27 23.90 -12.77 -1.95
N ALA C 28 23.61 -14.01 -1.54
CA ALA C 28 22.27 -14.49 -1.27
C ALA C 28 21.65 -13.59 -0.23
N ILE C 29 20.33 -13.43 -0.29
CA ILE C 29 19.62 -12.74 0.78
C ILE C 29 18.51 -13.63 1.29
N PRO C 30 18.80 -14.58 2.19
CA PRO C 30 17.84 -15.65 2.49
C PRO C 30 16.57 -15.09 3.14
N ALA C 31 16.67 -13.94 3.81
CA ALA C 31 15.49 -13.36 4.47
C ALA C 31 14.33 -13.16 3.50
N VAL C 32 14.64 -12.93 2.21
CA VAL C 32 13.62 -12.68 1.21
C VAL C 32 13.64 -13.74 0.10
N GLY C 33 14.27 -14.88 0.34
CA GLY C 33 14.26 -15.97 -0.62
C GLY C 33 15.06 -15.68 -1.89
N TRP C 34 16.10 -14.85 -1.81
CA TRP C 34 16.83 -14.46 -3.00
C TRP C 34 18.20 -15.13 -3.01
N PRO C 35 18.62 -15.73 -4.15
CA PRO C 35 19.95 -16.32 -4.28
C PRO C 35 21.02 -15.28 -4.59
N ALA C 36 22.29 -15.69 -4.50
CA ALA C 36 23.40 -14.95 -5.04
C ALA C 36 23.29 -14.89 -6.55
N MET C 37 23.48 -13.69 -7.13
CA MET C 37 23.46 -13.52 -8.58
C MET C 37 24.05 -12.16 -8.93
N THR C 38 24.20 -11.90 -10.23
CA THR C 38 24.72 -10.63 -10.73
C THR C 38 23.59 -9.84 -11.38
N MET C 39 23.48 -8.56 -11.03
CA MET C 39 22.46 -7.72 -11.62
C MET C 39 22.94 -6.27 -11.61
N ARG C 40 22.23 -5.41 -12.36
CA ARG C 40 22.54 -3.98 -12.45
C ARG C 40 21.61 -3.16 -11.57
N PHE C 41 22.16 -2.09 -11.00
CA PHE C 41 21.38 -1.15 -10.22
C PHE C 41 21.57 0.23 -10.85
N THR C 42 20.49 1.02 -11.04
CA THR C 42 20.62 2.43 -11.37
C THR C 42 20.83 3.21 -10.08
N PHE C 43 21.88 4.03 -9.94
CA PHE C 43 22.10 4.63 -8.60
C PHE C 43 21.33 5.94 -8.36
N VAL C 44 20.57 5.95 -7.23
CA VAL C 44 19.48 6.88 -6.93
C VAL C 44 19.99 8.32 -6.78
N ASN C 45 21.11 8.49 -6.05
CA ASN C 45 21.92 9.69 -6.15
C ASN C 45 23.10 9.36 -7.07
N ALA C 46 23.28 10.19 -8.11
CA ALA C 46 24.23 9.93 -9.18
C ALA C 46 25.67 10.12 -8.70
N ASP C 47 25.84 10.82 -7.56
CA ASP C 47 27.13 11.15 -6.98
C ASP C 47 27.73 9.92 -6.32
N ASP C 48 26.89 8.91 -6.05
CA ASP C 48 27.31 7.65 -5.45
C ASP C 48 28.36 6.87 -6.27
N ALA C 49 28.44 7.14 -7.56
CA ALA C 49 29.29 6.40 -8.48
C ALA C 49 30.76 6.36 -8.04
N ILE C 50 31.25 7.41 -7.41
CA ILE C 50 32.69 7.58 -7.23
C ILE C 50 33.25 6.43 -6.39
N ASP C 51 32.68 6.24 -5.21
CA ASP C 51 33.09 5.23 -4.26
C ASP C 51 33.10 3.85 -4.92
N ALA C 52 32.10 3.61 -5.79
CA ALA C 52 31.89 2.32 -6.44
C ALA C 52 33.06 1.98 -7.37
N ILE C 53 33.64 3.03 -7.98
CA ILE C 53 34.77 2.83 -8.86
C ILE C 53 35.95 2.31 -8.04
N ASN C 54 36.11 2.81 -6.82
CA ASN C 54 37.14 2.29 -5.93
C ASN C 54 37.00 0.78 -5.77
N ALA C 55 35.80 0.37 -5.37
CA ALA C 55 35.46 -1.06 -5.20
C ALA C 55 35.66 -1.82 -6.50
N LEU C 56 35.29 -1.17 -7.62
CA LEU C 56 35.45 -1.81 -8.91
C LEU C 56 36.93 -2.11 -9.17
N LYS C 57 37.81 -1.21 -8.74
CA LYS C 57 39.25 -1.36 -8.92
C LYS C 57 39.75 -2.47 -8.01
N THR C 58 39.44 -2.35 -6.71
CA THR C 58 39.97 -3.23 -5.66
C THR C 58 39.45 -4.66 -5.83
N GLY C 59 38.15 -4.79 -6.19
CA GLY C 59 37.50 -6.09 -6.32
C GLY C 59 37.05 -6.63 -4.96
N ASN C 60 36.87 -5.70 -4.00
CA ASN C 60 36.58 -6.04 -2.61
C ASN C 60 35.08 -6.22 -2.45
N HIS C 61 34.69 -7.12 -1.55
CA HIS C 61 33.29 -7.16 -1.14
C HIS C 61 32.93 -5.80 -0.53
N VAL C 62 31.75 -5.27 -0.86
CA VAL C 62 31.26 -4.06 -0.23
C VAL C 62 29.84 -4.31 0.26
N ASP C 63 29.43 -3.52 1.27
CA ASP C 63 28.07 -3.46 1.72
C ASP C 63 27.33 -2.40 0.92
N PHE C 64 26.02 -2.61 0.75
CA PHE C 64 25.22 -1.63 0.05
C PHE C 64 23.78 -1.82 0.43
N SER C 65 22.94 -0.81 0.16
CA SER C 65 21.49 -0.90 0.32
C SER C 65 20.84 -0.57 -1.02
N PHE C 66 19.65 -1.10 -1.24
CA PHE C 66 19.00 -0.79 -2.50
C PHE C 66 17.51 -0.99 -2.38
N ILE C 67 16.76 -0.44 -3.35
CA ILE C 67 15.33 -0.62 -3.45
C ILE C 67 15.05 -1.47 -4.68
N GLN C 68 14.01 -2.30 -4.60
CA GLN C 68 13.62 -3.16 -5.69
C GLN C 68 12.18 -2.82 -6.06
N GLN C 69 12.01 -2.10 -7.19
CA GLN C 69 10.69 -1.72 -7.71
C GLN C 69 10.36 -2.57 -8.93
N GLY C 70 9.57 -3.62 -8.72
CA GLY C 70 9.22 -4.54 -9.81
C GLY C 70 10.46 -5.29 -10.31
N ASN C 71 10.95 -4.89 -11.49
CA ASN C 71 12.20 -5.46 -12.03
C ASN C 71 13.35 -4.47 -11.95
N ILE C 72 13.10 -3.18 -11.64
CA ILE C 72 14.16 -2.17 -11.52
C ILE C 72 14.81 -2.27 -10.13
N SER C 73 16.12 -2.03 -10.06
CA SER C 73 16.87 -2.00 -8.81
C SER C 73 17.55 -0.64 -8.64
N LEU C 74 17.23 0.08 -7.56
CA LEU C 74 17.82 1.37 -7.29
C LEU C 74 18.82 1.28 -6.15
N LEU C 75 20.08 1.61 -6.42
CA LEU C 75 21.12 1.57 -5.41
C LEU C 75 21.01 2.80 -4.53
N LYS C 76 20.97 2.62 -3.22
CA LYS C 76 20.75 3.74 -2.32
C LYS C 76 22.05 4.15 -1.64
N SER C 77 22.84 3.20 -1.18
CA SER C 77 24.08 3.54 -0.49
C SER C 77 25.10 2.43 -0.75
N ILE C 78 26.37 2.73 -0.50
CA ILE C 78 27.46 1.79 -0.73
C ILE C 78 28.68 2.26 0.06
N ASN C 79 29.55 1.32 0.48
CA ASN C 79 30.64 1.62 1.40
C ASN C 79 31.95 1.09 0.79
N MET D 1 -22.28 6.12 -0.15
CA MET D 1 -21.57 5.14 0.71
C MET D 1 -21.61 3.72 0.10
N VAL D 2 -22.77 3.25 -0.37
CA VAL D 2 -22.86 2.02 -1.18
C VAL D 2 -21.76 2.09 -2.25
N GLN D 3 -21.31 0.92 -2.70
CA GLN D 3 -20.08 0.87 -3.50
C GLN D 3 -20.33 1.44 -4.89
N GLN D 4 -19.37 2.24 -5.38
CA GLN D 4 -19.48 2.83 -6.70
C GLN D 4 -19.52 1.75 -7.77
N VAL D 5 -20.47 1.87 -8.71
CA VAL D 5 -20.49 1.08 -9.93
C VAL D 5 -20.43 2.06 -11.10
N ILE D 6 -19.25 2.15 -11.73
CA ILE D 6 -18.94 3.18 -12.69
C ILE D 6 -19.29 2.69 -14.09
N ARG D 7 -20.13 3.45 -14.80
CA ARG D 7 -20.48 3.17 -16.18
C ARG D 7 -19.51 3.90 -17.08
N GLY D 8 -19.04 3.20 -18.11
CA GLY D 8 -18.15 3.78 -19.08
C GLY D 8 -18.43 3.19 -20.45
N SER D 9 -17.67 3.66 -21.43
CA SER D 9 -17.66 3.05 -22.74
C SER D 9 -16.28 3.27 -23.33
N GLY D 10 -15.94 2.41 -24.28
CA GLY D 10 -14.71 2.58 -25.02
C GLY D 10 -14.49 1.41 -25.96
N VAL D 11 -13.29 1.38 -26.54
CA VAL D 11 -12.85 0.36 -27.47
C VAL D 11 -11.88 -0.58 -26.75
N VAL D 12 -12.12 -1.89 -26.90
CA VAL D 12 -11.22 -2.91 -26.38
C VAL D 12 -9.98 -2.97 -27.26
N LYS D 13 -8.79 -2.77 -26.67
CA LYS D 13 -7.55 -2.71 -27.44
C LYS D 13 -6.63 -3.91 -27.18
N ALA D 14 -6.92 -4.69 -26.14
CA ALA D 14 -6.08 -5.81 -25.77
C ALA D 14 -6.85 -6.70 -24.82
N ILE D 15 -6.51 -8.00 -24.84
CA ILE D 15 -7.01 -8.95 -23.86
C ILE D 15 -5.89 -9.96 -23.57
N ASP D 16 -5.85 -10.42 -22.31
CA ASP D 16 -4.88 -11.38 -21.84
C ASP D 16 -5.60 -12.46 -21.04
N MET D 17 -5.68 -13.64 -21.61
CA MET D 17 -6.52 -14.66 -21.05
C MET D 17 -5.84 -15.30 -19.83
N ASN D 18 -4.52 -15.03 -19.66
CA ASN D 18 -3.76 -15.56 -18.53
C ASN D 18 -3.93 -14.67 -17.30
N SER D 19 -3.55 -13.39 -17.42
CA SER D 19 -3.70 -12.45 -16.31
C SER D 19 -5.17 -12.03 -16.13
N LYS D 20 -6.04 -12.45 -17.07
CA LYS D 20 -7.48 -12.27 -17.00
C LYS D 20 -7.78 -10.78 -17.05
N LYS D 21 -7.12 -10.07 -17.97
CA LYS D 21 -7.24 -8.62 -18.06
C LYS D 21 -7.69 -8.23 -19.46
N ILE D 22 -8.42 -7.11 -19.54
CA ILE D 22 -8.85 -6.50 -20.79
C ILE D 22 -8.45 -5.02 -20.76
N THR D 23 -7.87 -4.56 -21.87
CA THR D 23 -7.43 -3.18 -22.00
C THR D 23 -8.48 -2.45 -22.84
N ILE D 24 -9.03 -1.36 -22.27
CA ILE D 24 -10.07 -0.58 -22.89
C ILE D 24 -9.63 0.87 -22.91
N SER D 25 -9.72 1.45 -24.10
CA SER D 25 -9.54 2.86 -24.30
C SER D 25 -10.89 3.53 -24.05
N HIS D 26 -11.07 4.04 -22.82
CA HIS D 26 -12.39 4.44 -22.37
C HIS D 26 -12.58 5.94 -22.57
N GLU D 27 -13.86 6.34 -22.64
CA GLU D 27 -14.19 7.75 -22.80
C GLU D 27 -14.06 8.45 -21.45
N ALA D 28 -14.06 9.78 -21.53
CA ALA D 28 -14.00 10.65 -20.37
C ALA D 28 -15.21 10.33 -19.49
N ILE D 29 -15.05 10.49 -18.18
CA ILE D 29 -16.19 10.38 -17.28
C ILE D 29 -16.23 11.65 -16.44
N PRO D 30 -16.86 12.73 -16.94
CA PRO D 30 -16.72 14.04 -16.29
C PRO D 30 -17.31 14.04 -14.89
N ALA D 31 -18.29 13.16 -14.62
CA ALA D 31 -18.94 13.15 -13.33
C ALA D 31 -17.92 12.93 -12.20
N VAL D 32 -16.83 12.22 -12.48
CA VAL D 32 -15.81 11.93 -11.49
C VAL D 32 -14.46 12.54 -11.84
N GLY D 33 -14.42 13.51 -12.74
CA GLY D 33 -13.19 14.20 -13.09
C GLY D 33 -12.17 13.32 -13.80
N TRP D 34 -12.64 12.31 -14.56
CA TRP D 34 -11.71 11.37 -15.20
C TRP D 34 -11.67 11.64 -16.69
N PRO D 35 -10.46 11.73 -17.29
CA PRO D 35 -10.33 11.94 -18.73
C PRO D 35 -10.46 10.62 -19.49
N ALA D 36 -10.58 10.71 -20.82
CA ALA D 36 -10.43 9.56 -21.70
C ALA D 36 -9.00 9.07 -21.62
N MET D 37 -8.82 7.77 -21.46
CA MET D 37 -7.49 7.18 -21.39
C MET D 37 -7.61 5.66 -21.54
N THR D 38 -6.46 4.98 -21.62
CA THR D 38 -6.42 3.53 -21.74
C THR D 38 -5.95 2.90 -20.44
N MET D 39 -6.67 1.89 -19.97
CA MET D 39 -6.29 1.19 -18.76
C MET D 39 -6.83 -0.24 -18.80
N ARG D 40 -6.41 -1.09 -17.83
CA ARG D 40 -6.77 -2.50 -17.78
C ARG D 40 -7.85 -2.78 -16.76
N PHE D 41 -8.74 -3.73 -17.09
CA PHE D 41 -9.76 -4.19 -16.18
C PHE D 41 -9.60 -5.69 -15.97
N THR D 42 -9.66 -6.14 -14.73
CA THR D 42 -9.68 -7.55 -14.38
C THR D 42 -11.11 -8.07 -14.53
N PHE D 43 -11.29 -9.13 -15.33
CA PHE D 43 -12.58 -9.79 -15.49
C PHE D 43 -12.59 -11.13 -14.73
N VAL D 44 -13.82 -11.64 -14.49
CA VAL D 44 -14.09 -12.87 -13.75
C VAL D 44 -14.76 -13.93 -14.63
N ASN D 45 -15.73 -13.52 -15.46
CA ASN D 45 -16.61 -14.44 -16.18
C ASN D 45 -16.12 -14.60 -17.62
N ALA D 46 -16.25 -15.82 -18.18
CA ALA D 46 -15.66 -16.12 -19.47
C ALA D 46 -16.48 -15.54 -20.63
N ASP D 47 -17.74 -15.20 -20.37
CA ASP D 47 -18.64 -14.62 -21.37
C ASP D 47 -18.29 -13.14 -21.55
N ASP D 48 -17.61 -12.57 -20.55
CA ASP D 48 -17.08 -11.22 -20.59
C ASP D 48 -15.82 -11.22 -21.46
N ALA D 49 -14.94 -12.21 -21.26
CA ALA D 49 -13.81 -12.36 -22.17
C ALA D 49 -14.29 -12.59 -23.60
N ILE D 50 -15.36 -13.37 -23.79
CA ILE D 50 -15.83 -13.67 -25.12
C ILE D 50 -16.29 -12.39 -25.82
N ASP D 51 -17.21 -11.66 -25.17
CA ASP D 51 -17.74 -10.42 -25.72
C ASP D 51 -16.59 -9.46 -26.05
N ALA D 52 -15.58 -9.43 -25.18
CA ALA D 52 -14.46 -8.50 -25.30
C ALA D 52 -13.64 -8.82 -26.55
N ILE D 53 -13.51 -10.12 -26.83
CA ILE D 53 -12.74 -10.57 -27.98
C ILE D 53 -13.51 -10.17 -29.24
N ASN D 54 -14.84 -10.29 -29.18
CA ASN D 54 -15.67 -9.85 -30.29
C ASN D 54 -15.38 -8.39 -30.58
N ALA D 55 -15.51 -7.58 -29.52
CA ALA D 55 -15.27 -6.13 -29.58
C ALA D 55 -13.83 -5.85 -30.05
N LEU D 56 -12.89 -6.67 -29.59
CA LEU D 56 -11.51 -6.51 -29.98
C LEU D 56 -11.35 -6.66 -31.49
N LYS D 57 -12.13 -7.60 -32.06
CA LYS D 57 -12.09 -7.85 -33.50
C LYS D 57 -12.74 -6.67 -34.23
N THR D 58 -13.99 -6.36 -33.83
CA THR D 58 -14.83 -5.38 -34.51
C THR D 58 -14.27 -3.97 -34.39
N GLY D 59 -13.74 -3.62 -33.20
CA GLY D 59 -13.28 -2.27 -32.91
C GLY D 59 -14.43 -1.34 -32.51
N ASN D 60 -15.52 -1.94 -32.02
CA ASN D 60 -16.74 -1.23 -31.67
C ASN D 60 -16.64 -0.61 -30.29
N HIS D 61 -17.27 0.55 -30.12
CA HIS D 61 -17.49 1.05 -28.77
C HIS D 61 -18.35 0.05 -28.04
N VAL D 62 -18.04 -0.22 -26.77
CA VAL D 62 -18.92 -1.00 -25.92
C VAL D 62 -19.18 -0.25 -24.63
N ASP D 63 -20.32 -0.54 -24.02
CA ASP D 63 -20.65 -0.07 -22.69
C ASP D 63 -20.12 -1.09 -21.68
N PHE D 64 -19.78 -0.60 -20.49
CA PHE D 64 -19.31 -1.49 -19.46
C PHE D 64 -19.50 -0.80 -18.11
N SER D 65 -19.48 -1.59 -17.02
CA SER D 65 -19.54 -1.08 -15.66
C SER D 65 -18.36 -1.68 -14.91
N PHE D 66 -17.86 -1.01 -13.89
CA PHE D 66 -16.74 -1.60 -13.18
C PHE D 66 -16.66 -1.01 -11.79
N ILE D 67 -15.91 -1.69 -10.91
CA ILE D 67 -15.59 -1.23 -9.58
C ILE D 67 -14.11 -0.90 -9.53
N GLN D 68 -13.74 0.08 -8.69
CA GLN D 68 -12.36 0.52 -8.59
C GLN D 68 -11.85 0.31 -7.18
N GLN D 69 -11.05 -0.74 -6.99
CA GLN D 69 -10.50 -1.14 -5.70
C GLN D 69 -9.00 -0.83 -5.69
N GLY D 70 -8.61 0.34 -5.17
CA GLY D 70 -7.20 0.67 -5.05
C GLY D 70 -6.54 0.86 -6.42
N ASN D 71 -5.78 -0.13 -6.89
CA ASN D 71 -5.20 -0.09 -8.22
C ASN D 71 -5.95 -1.00 -9.20
N ILE D 72 -6.79 -1.94 -8.70
CA ILE D 72 -7.54 -2.85 -9.55
C ILE D 72 -8.80 -2.13 -10.07
N SER D 73 -9.17 -2.45 -11.33
CA SER D 73 -10.46 -2.12 -11.90
C SER D 73 -11.19 -3.42 -12.25
N LEU D 74 -12.29 -3.74 -11.57
CA LEU D 74 -12.95 -5.03 -11.73
C LEU D 74 -14.25 -4.86 -12.51
N LEU D 75 -14.31 -5.59 -13.64
CA LEU D 75 -15.37 -5.44 -14.59
C LEU D 75 -16.63 -6.13 -14.06
N LYS D 76 -17.75 -5.39 -14.09
CA LYS D 76 -19.00 -5.93 -13.62
C LYS D 76 -19.90 -6.32 -14.79
N SER D 77 -19.94 -5.51 -15.85
CA SER D 77 -20.71 -5.90 -17.03
C SER D 77 -20.02 -5.38 -18.29
N ILE D 78 -20.42 -5.94 -19.42
CA ILE D 78 -19.96 -5.48 -20.72
C ILE D 78 -20.98 -5.93 -21.76
N ASN D 79 -21.24 -5.07 -22.78
CA ASN D 79 -22.42 -5.18 -23.63
C ASN D 79 -22.14 -4.65 -25.03
N VAL D 80 -22.18 -5.50 -26.04
CA VAL D 80 -22.09 -5.02 -27.42
C VAL D 80 -23.50 -4.63 -27.89
N MET E 1 11.14 7.85 -7.60
CA MET E 1 10.89 6.38 -7.47
C MET E 1 11.05 5.95 -6.01
N VAL E 2 12.17 6.28 -5.35
CA VAL E 2 12.37 6.06 -3.93
C VAL E 2 11.11 6.59 -3.22
N GLN E 3 10.80 6.07 -2.03
CA GLN E 3 9.54 6.40 -1.39
C GLN E 3 9.62 7.81 -0.82
N GLN E 4 8.55 8.60 -0.98
CA GLN E 4 8.49 9.95 -0.44
C GLN E 4 8.65 9.95 1.07
N VAL E 5 9.52 10.85 1.56
CA VAL E 5 9.60 11.16 2.98
C VAL E 5 9.27 12.64 3.15
N ILE E 6 8.07 12.91 3.64
CA ILE E 6 7.46 14.24 3.61
C ILE E 6 7.81 14.94 4.91
N ARG E 7 8.38 16.16 4.77
CA ARG E 7 8.69 17.03 5.89
C ARG E 7 7.47 17.92 6.17
N GLY E 8 7.14 18.05 7.45
CA GLY E 8 5.99 18.83 7.85
C GLY E 8 6.29 19.50 9.17
N SER E 9 5.35 20.33 9.61
CA SER E 9 5.37 20.83 10.96
C SER E 9 3.93 21.08 11.36
N GLY E 10 3.71 21.08 12.67
CA GLY E 10 2.40 21.40 13.18
C GLY E 10 2.38 21.22 14.70
N VAL E 11 1.17 21.31 15.23
CA VAL E 11 0.89 21.17 16.65
C VAL E 11 0.25 19.80 16.89
N VAL E 12 0.78 19.07 17.86
CA VAL E 12 0.24 17.79 18.30
C VAL E 12 -1.03 18.05 19.11
N LYS E 13 -2.17 17.50 18.68
CA LYS E 13 -3.45 17.79 19.29
C LYS E 13 -4.05 16.60 20.03
N ALA E 14 -3.48 15.41 19.83
CA ALA E 14 -4.01 14.20 20.45
C ALA E 14 -2.97 13.10 20.32
N ILE E 15 -2.99 12.17 21.28
CA ILE E 15 -2.17 10.97 21.23
C ILE E 15 -2.96 9.84 21.88
N ASP E 16 -2.77 8.62 21.35
CA ASP E 16 -3.44 7.43 21.81
C ASP E 16 -2.39 6.33 21.94
N MET E 17 -2.10 5.97 23.19
CA MET E 17 -0.98 5.10 23.43
C MET E 17 -1.38 3.65 23.13
N ASN E 18 -2.68 3.39 22.92
CA ASN E 18 -3.16 2.05 22.58
C ASN E 18 -3.04 1.80 21.08
N SER E 19 -3.70 2.65 20.27
CA SER E 19 -3.65 2.48 18.82
C SER E 19 -2.33 3.01 18.27
N LYS E 20 -1.50 3.64 19.14
CA LYS E 20 -0.17 4.13 18.80
C LYS E 20 -0.30 5.19 17.72
N LYS E 21 -1.25 6.11 17.91
CA LYS E 21 -1.60 7.11 16.91
C LYS E 21 -1.45 8.50 17.52
N ILE E 22 -1.10 9.46 16.66
CA ILE E 22 -0.86 10.84 17.07
C ILE E 22 -1.57 11.75 16.08
N THR E 23 -2.29 12.74 16.62
CA THR E 23 -3.02 13.69 15.81
C THR E 23 -2.21 14.98 15.77
N ILE E 24 -1.91 15.44 14.55
CA ILE E 24 -1.15 16.67 14.34
C ILE E 24 -1.94 17.56 13.39
N SER E 25 -2.06 18.82 13.81
CA SER E 25 -2.59 19.88 13.00
C SER E 25 -1.42 20.47 12.21
N HIS E 26 -1.26 20.00 10.97
CA HIS E 26 -0.04 20.26 10.23
C HIS E 26 -0.23 21.47 9.32
N GLU E 27 0.91 22.08 8.95
CA GLU E 27 0.88 23.22 8.05
C GLU E 27 0.71 22.71 6.62
N ALA E 28 0.38 23.68 5.74
CA ALA E 28 0.24 23.44 4.33
C ALA E 28 1.56 22.89 3.81
N ILE E 29 1.50 22.05 2.77
CA ILE E 29 2.71 21.63 2.10
C ILE E 29 2.55 21.91 0.62
N PRO E 30 2.80 23.14 0.15
CA PRO E 30 2.42 23.51 -1.21
C PRO E 30 3.19 22.70 -2.26
N ALA E 31 4.37 22.17 -1.91
CA ALA E 31 5.15 21.39 -2.88
C ALA E 31 4.33 20.22 -3.44
N VAL E 32 3.40 19.68 -2.65
CA VAL E 32 2.60 18.54 -3.05
C VAL E 32 1.10 18.88 -3.12
N GLY E 33 0.75 20.17 -3.14
CA GLY E 33 -0.63 20.57 -3.28
C GLY E 33 -1.49 20.26 -2.05
N TRP E 34 -0.89 20.21 -0.86
CA TRP E 34 -1.63 19.82 0.32
C TRP E 34 -1.89 21.02 1.21
N PRO E 35 -3.15 21.21 1.68
CA PRO E 35 -3.46 22.30 2.60
C PRO E 35 -3.09 21.97 4.04
N ALA E 36 -3.13 22.99 4.91
CA ALA E 36 -3.09 22.80 6.34
C ALA E 36 -4.34 22.07 6.77
N MET E 37 -4.20 21.04 7.62
CA MET E 37 -5.35 20.29 8.12
C MET E 37 -4.88 19.41 9.28
N THR E 38 -5.84 18.75 9.93
CA THR E 38 -5.58 17.86 11.04
C THR E 38 -5.78 16.41 10.62
N MET E 39 -4.82 15.55 10.95
CA MET E 39 -4.93 14.15 10.61
C MET E 39 -4.12 13.32 11.61
N ARG E 40 -4.33 12.00 11.58
CA ARG E 40 -3.66 11.04 12.47
C ARG E 40 -2.49 10.35 11.78
N PHE E 41 -1.42 10.09 12.53
CA PHE E 41 -0.30 9.33 12.04
C PHE E 41 -0.07 8.13 12.98
N THR E 42 0.21 6.92 12.43
CA THR E 42 0.68 5.82 13.25
C THR E 42 2.18 5.94 13.51
N PHE E 43 2.63 5.96 14.79
CA PHE E 43 4.04 6.05 15.16
C PHE E 43 4.54 4.67 15.62
N VAL E 44 5.89 4.51 15.71
CA VAL E 44 6.57 3.23 15.98
C VAL E 44 7.30 3.23 17.33
N ASN E 45 8.05 4.29 17.62
CA ASN E 45 9.06 4.30 18.68
C ASN E 45 8.53 5.06 19.89
N ALA E 46 8.96 4.68 21.10
CA ALA E 46 8.41 5.25 22.32
C ALA E 46 8.97 6.65 22.61
N ASP E 47 10.12 6.98 22.02
CA ASP E 47 10.74 8.30 22.20
C ASP E 47 9.98 9.34 21.36
N ASP E 48 9.27 8.84 20.33
CA ASP E 48 8.39 9.63 19.48
C ASP E 48 7.13 9.95 20.26
N ALA E 49 6.55 8.94 20.93
CA ALA E 49 5.43 9.19 21.80
C ALA E 49 5.82 10.17 22.91
N ILE E 50 7.04 10.03 23.46
CA ILE E 50 7.44 10.89 24.57
C ILE E 50 7.48 12.34 24.10
N ASP E 51 8.24 12.60 23.03
CA ASP E 51 8.41 13.94 22.50
C ASP E 51 7.04 14.54 22.18
N ALA E 52 6.13 13.69 21.65
CA ALA E 52 4.82 14.13 21.19
C ALA E 52 3.97 14.59 22.36
N ILE E 53 4.14 13.88 23.49
CA ILE E 53 3.37 14.21 24.69
C ILE E 53 3.89 15.54 25.22
N ASN E 54 5.21 15.75 25.13
CA ASN E 54 5.81 17.01 25.53
C ASN E 54 5.14 18.12 24.73
N ALA E 55 5.19 17.95 23.40
CA ALA E 55 4.60 18.90 22.44
C ALA E 55 3.11 19.07 22.71
N LEU E 56 2.45 17.96 23.05
CA LEU E 56 1.02 18.00 23.35
C LEU E 56 0.75 18.93 24.52
N LYS E 57 1.65 18.90 25.52
CA LYS E 57 1.51 19.73 26.71
C LYS E 57 1.78 21.18 26.33
N THR E 58 2.95 21.43 25.73
CA THR E 58 3.47 22.75 25.43
C THR E 58 2.61 23.48 24.38
N GLY E 59 2.14 22.74 23.37
CA GLY E 59 1.38 23.30 22.25
C GLY E 59 2.30 23.92 21.20
N ASN E 60 3.55 23.46 21.18
CA ASN E 60 4.60 24.02 20.34
C ASN E 60 4.56 23.40 18.95
N HIS E 61 4.89 24.21 17.95
CA HIS E 61 5.10 23.65 16.63
C HIS E 61 6.26 22.66 16.73
N VAL E 62 6.14 21.52 16.05
CA VAL E 62 7.26 20.61 15.93
C VAL E 62 7.45 20.27 14.45
N ASP E 63 8.67 19.89 14.12
CA ASP E 63 9.00 19.35 12.81
C ASP E 63 8.82 17.85 12.85
N PHE E 64 8.47 17.26 11.70
CA PHE E 64 8.31 15.82 11.64
C PHE E 64 8.41 15.38 10.20
N SER E 65 8.64 14.08 9.98
CA SER E 65 8.66 13.47 8.65
C SER E 65 7.68 12.31 8.65
N PHE E 66 7.13 11.98 7.50
CA PHE E 66 6.17 10.89 7.49
C PHE E 66 6.05 10.32 6.10
N ILE E 67 5.45 9.13 6.01
CA ILE E 67 5.13 8.49 4.75
C ILE E 67 3.61 8.49 4.59
N GLN E 68 3.16 8.64 3.35
CA GLN E 68 1.75 8.59 3.02
C GLN E 68 1.51 7.43 2.05
N GLN E 69 0.96 6.32 2.57
CA GLN E 69 0.64 5.13 1.80
C GLN E 69 -0.86 5.05 1.59
N GLY E 70 -1.33 5.49 0.42
CA GLY E 70 -2.74 5.50 0.10
C GLY E 70 -3.51 6.44 1.01
N ASN E 71 -4.23 5.85 1.99
CA ASN E 71 -5.01 6.57 2.99
C ASN E 71 -4.23 6.67 4.34
N ILE E 72 -3.27 5.75 4.56
CA ILE E 72 -2.57 5.65 5.84
C ILE E 72 -1.41 6.67 5.89
N SER E 73 -1.14 7.23 7.07
CA SER E 73 0.00 8.12 7.30
C SER E 73 0.90 7.56 8.40
N LEU E 74 2.17 7.23 8.05
CA LEU E 74 3.10 6.70 9.04
C LEU E 74 4.14 7.75 9.41
N LEU E 75 4.19 8.09 10.69
CA LEU E 75 5.14 9.06 11.23
C LEU E 75 6.51 8.40 11.31
N LYS E 76 7.52 9.07 10.77
CA LYS E 76 8.85 8.50 10.72
C LYS E 76 9.75 9.15 11.77
N SER E 77 9.68 10.47 11.92
CA SER E 77 10.54 11.15 12.88
C SER E 77 9.81 12.38 13.41
N ILE E 78 10.29 12.92 14.53
CA ILE E 78 9.68 14.09 15.16
C ILE E 78 10.73 14.71 16.08
N ASN E 79 10.70 16.05 16.25
CA ASN E 79 11.83 16.82 16.77
C ASN E 79 11.33 18.04 17.53
N VAL E 80 11.52 18.05 18.85
CA VAL E 80 11.36 19.28 19.61
C VAL E 80 12.66 20.09 19.50
N MET F 1 -4.81 14.09 2.70
CA MET F 1 -5.81 13.09 2.21
C MET F 1 -6.07 13.29 0.71
N VAL F 2 -6.43 14.51 0.27
CA VAL F 2 -6.55 14.83 -1.15
C VAL F 2 -5.28 14.32 -1.84
N GLN F 3 -5.35 14.01 -3.13
CA GLN F 3 -4.21 13.38 -3.80
C GLN F 3 -3.12 14.42 -4.03
N GLN F 4 -1.87 14.03 -3.79
CA GLN F 4 -0.71 14.90 -4.02
C GLN F 4 -0.64 15.38 -5.46
N VAL F 5 -0.43 16.69 -5.63
CA VAL F 5 -0.07 17.26 -6.92
C VAL F 5 1.29 17.94 -6.76
N ILE F 6 2.32 17.29 -7.31
CA ILE F 6 3.71 17.62 -7.04
C ILE F 6 4.18 18.60 -8.10
N ARG F 7 4.75 19.74 -7.63
CA ARG F 7 5.34 20.74 -8.47
C ARG F 7 6.82 20.40 -8.68
N GLY F 8 7.28 20.51 -9.92
CA GLY F 8 8.65 20.19 -10.26
C GLY F 8 9.11 21.10 -11.37
N SER F 9 10.39 20.97 -11.70
CA SER F 9 10.92 21.59 -12.89
C SER F 9 12.06 20.72 -13.37
N GLY F 10 12.33 20.85 -14.66
CA GLY F 10 13.46 20.15 -15.24
C GLY F 10 13.50 20.37 -16.74
N VAL F 11 14.39 19.61 -17.38
CA VAL F 11 14.61 19.63 -18.80
C VAL F 11 13.99 18.39 -19.43
N VAL F 12 13.20 18.60 -20.48
CA VAL F 12 12.59 17.53 -21.26
C VAL F 12 13.68 16.88 -22.11
N LYS F 13 13.92 15.57 -21.95
CA LYS F 13 15.02 14.90 -22.63
C LYS F 13 14.54 13.90 -23.70
N ALA F 14 13.25 13.59 -23.70
CA ALA F 14 12.71 12.61 -24.65
C ALA F 14 11.19 12.73 -24.65
N ILE F 15 10.61 12.40 -25.81
CA ILE F 15 9.17 12.30 -25.94
C ILE F 15 8.85 11.17 -26.92
N ASP F 16 7.74 10.47 -26.66
CA ASP F 16 7.28 9.35 -27.46
C ASP F 16 5.79 9.53 -27.72
N MET F 17 5.47 9.84 -28.97
CA MET F 17 4.12 10.24 -29.27
C MET F 17 3.22 9.01 -29.36
N ASN F 18 3.80 7.79 -29.37
CA ASN F 18 3.04 6.55 -29.40
C ASN F 18 2.61 6.15 -27.99
N SER F 19 3.59 5.95 -27.09
CA SER F 19 3.29 5.56 -25.72
C SER F 19 2.79 6.77 -24.91
N LYS F 20 2.86 7.97 -25.51
CA LYS F 20 2.37 9.21 -24.92
C LYS F 20 3.15 9.49 -23.65
N LYS F 21 4.48 9.35 -23.74
CA LYS F 21 5.35 9.44 -22.57
C LYS F 21 6.40 10.52 -22.83
N ILE F 22 6.82 11.16 -21.73
CA ILE F 22 7.77 12.26 -21.79
C ILE F 22 8.81 12.02 -20.71
N THR F 23 10.10 12.18 -21.07
CA THR F 23 11.21 12.00 -20.16
C THR F 23 11.68 13.38 -19.73
N ILE F 24 11.71 13.62 -18.41
CA ILE F 24 12.15 14.88 -17.84
C ILE F 24 13.23 14.59 -16.80
N SER F 25 14.32 15.34 -16.93
CA SER F 25 15.38 15.37 -15.95
C SER F 25 15.02 16.43 -14.92
N HIS F 26 14.42 15.98 -13.81
CA HIS F 26 13.77 16.91 -12.90
C HIS F 26 14.72 17.27 -11.75
N GLU F 27 14.44 18.42 -11.13
CA GLU F 27 15.24 18.86 -10.00
C GLU F 27 14.78 18.10 -8.75
N ALA F 28 15.63 18.22 -7.73
CA ALA F 28 15.38 17.65 -6.42
C ALA F 28 14.07 18.21 -5.90
N ILE F 29 13.35 17.43 -5.10
CA ILE F 29 12.19 17.98 -4.40
C ILE F 29 12.35 17.66 -2.93
N PRO F 30 13.10 18.48 -2.16
CA PRO F 30 13.48 18.10 -0.82
C PRO F 30 12.27 17.97 0.10
N ALA F 31 11.15 18.64 -0.22
CA ALA F 31 9.97 18.55 0.62
C ALA F 31 9.50 17.11 0.81
N VAL F 32 9.76 16.25 -0.19
CA VAL F 32 9.33 14.86 -0.15
C VAL F 32 10.53 13.89 -0.18
N GLY F 33 11.73 14.38 0.11
CA GLY F 33 12.90 13.52 0.19
C GLY F 33 13.33 12.96 -1.18
N TRP F 34 13.04 13.67 -2.27
CA TRP F 34 13.35 13.13 -3.60
C TRP F 34 14.53 13.86 -4.20
N PRO F 35 15.53 13.13 -4.75
CA PRO F 35 16.66 13.75 -5.43
C PRO F 35 16.32 14.16 -6.86
N ALA F 36 17.23 14.93 -7.47
CA ALA F 36 17.21 15.18 -8.90
C ALA F 36 17.50 13.88 -9.62
N MET F 37 16.69 13.56 -10.65
CA MET F 37 16.90 12.36 -11.45
C MET F 37 16.05 12.46 -12.72
N THR F 38 16.21 11.48 -13.61
CA THR F 38 15.48 11.42 -14.86
C THR F 38 14.45 10.29 -14.81
N MET F 39 13.22 10.61 -15.20
CA MET F 39 12.17 9.60 -15.22
C MET F 39 11.14 9.97 -16.28
N ARG F 40 10.24 9.02 -16.59
CA ARG F 40 9.20 9.18 -17.60
C ARG F 40 7.85 9.49 -16.96
N PHE F 41 7.07 10.35 -17.62
CA PHE F 41 5.70 10.64 -17.19
C PHE F 41 4.75 10.33 -18.35
N THR F 42 3.58 9.71 -18.06
CA THR F 42 2.53 9.60 -19.06
C THR F 42 1.72 10.90 -19.12
N PHE F 43 1.59 11.54 -20.30
CA PHE F 43 0.81 12.74 -20.50
C PHE F 43 -0.52 12.41 -21.20
N VAL F 44 -1.49 13.37 -21.14
CA VAL F 44 -2.87 13.18 -21.61
C VAL F 44 -3.19 14.07 -22.82
N ASN F 45 -2.82 15.34 -22.76
CA ASN F 45 -3.32 16.38 -23.66
C ASN F 45 -2.26 16.68 -24.71
N ALA F 46 -2.69 17.03 -25.92
CA ALA F 46 -1.76 17.23 -27.04
C ALA F 46 -1.03 18.58 -26.95
N ASP F 47 -1.58 19.53 -26.18
CA ASP F 47 -0.93 20.83 -25.99
C ASP F 47 0.25 20.69 -25.04
N ASP F 48 0.21 19.63 -24.24
CA ASP F 48 1.28 19.25 -23.33
C ASP F 48 2.41 18.63 -24.15
N ALA F 49 2.06 17.73 -25.09
CA ALA F 49 3.06 17.21 -26.00
C ALA F 49 3.67 18.35 -26.81
N ILE F 50 2.87 19.33 -27.25
CA ILE F 50 3.40 20.40 -28.07
C ILE F 50 4.44 21.19 -27.29
N ASP F 51 4.04 21.68 -26.10
CA ASP F 51 4.92 22.49 -25.27
C ASP F 51 6.20 21.72 -24.97
N ALA F 52 6.06 20.40 -24.76
CA ALA F 52 7.18 19.54 -24.36
C ALA F 52 8.19 19.43 -25.49
N ILE F 53 7.66 19.41 -26.72
CA ILE F 53 8.52 19.28 -27.88
C ILE F 53 9.28 20.59 -28.03
N ASN F 54 8.59 21.71 -27.76
CA ASN F 54 9.25 23.01 -27.78
C ASN F 54 10.44 22.97 -26.83
N ALA F 55 10.13 22.59 -25.57
CA ALA F 55 11.13 22.49 -24.51
C ALA F 55 12.23 21.50 -24.90
N LEU F 56 11.83 20.41 -25.55
CA LEU F 56 12.79 19.42 -25.99
C LEU F 56 13.79 20.03 -26.96
N LYS F 57 13.31 20.93 -27.82
CA LYS F 57 14.16 21.58 -28.80
C LYS F 57 15.07 22.58 -28.08
N THR F 58 14.45 23.48 -27.30
CA THR F 58 15.12 24.61 -26.66
C THR F 58 16.12 24.13 -25.59
N GLY F 59 15.73 23.09 -24.83
CA GLY F 59 16.53 22.58 -23.71
C GLY F 59 16.33 23.41 -22.44
N ASN F 60 15.19 24.10 -22.37
CA ASN F 60 14.87 25.04 -21.31
C ASN F 60 14.29 24.31 -20.12
N HIS F 61 14.60 24.81 -18.92
CA HIS F 61 13.89 24.35 -17.76
C HIS F 61 12.41 24.69 -17.94
N VAL F 62 11.53 23.75 -17.57
CA VAL F 62 10.11 24.04 -17.52
C VAL F 62 9.56 23.64 -16.15
N ASP F 63 8.47 24.28 -15.77
CA ASP F 63 7.70 23.92 -14.60
C ASP F 63 6.66 22.89 -15.00
N PHE F 64 6.30 22.02 -14.07
CA PHE F 64 5.29 21.03 -14.36
C PHE F 64 4.72 20.53 -13.05
N SER F 65 3.54 19.88 -13.11
CA SER F 65 2.93 19.22 -11.97
C SER F 65 2.64 17.78 -12.34
N PHE F 66 2.60 16.89 -11.36
CA PHE F 66 2.36 15.51 -11.72
C PHE F 66 1.84 14.75 -10.51
N ILE F 67 1.27 13.57 -10.76
CA ILE F 67 0.85 12.65 -9.71
C ILE F 67 1.77 11.43 -9.74
N GLN F 68 2.03 10.89 -8.56
CA GLN F 68 2.86 9.71 -8.41
C GLN F 68 2.03 8.61 -7.75
N GLN F 69 1.58 7.62 -8.56
CA GLN F 69 0.87 6.46 -8.05
C GLN F 69 1.76 5.23 -8.07
N GLY F 70 2.30 4.89 -6.90
CA GLY F 70 3.18 3.73 -6.77
C GLY F 70 4.48 3.97 -7.52
N ASN F 71 4.63 3.32 -8.69
CA ASN F 71 5.78 3.55 -9.55
C ASN F 71 5.42 4.38 -10.79
N ILE F 72 4.12 4.55 -11.10
CA ILE F 72 3.70 5.31 -12.27
C ILE F 72 3.70 6.81 -11.97
N SER F 73 4.07 7.63 -12.97
CA SER F 73 4.07 9.09 -12.87
C SER F 73 3.18 9.68 -13.96
N LEU F 74 2.12 10.40 -13.54
CA LEU F 74 1.21 11.02 -14.51
C LEU F 74 1.42 12.53 -14.52
N LEU F 75 1.78 13.07 -15.69
CA LEU F 75 1.99 14.49 -15.85
C LEU F 75 0.64 15.19 -15.94
N LYS F 76 0.46 16.24 -15.14
CA LYS F 76 -0.81 16.93 -15.09
C LYS F 76 -0.74 18.25 -15.85
N SER F 77 0.34 19.00 -15.70
CA SER F 77 0.45 20.29 -16.38
C SER F 77 1.90 20.56 -16.70
N ILE F 78 2.15 21.52 -17.61
CA ILE F 78 3.50 21.87 -18.02
C ILE F 78 3.43 23.26 -18.66
N ASN F 79 4.50 24.07 -18.50
CA ASN F 79 4.44 25.52 -18.72
C ASN F 79 5.78 26.04 -19.18
N VAL F 80 5.87 26.49 -20.44
CA VAL F 80 7.01 27.27 -20.87
C VAL F 80 6.77 28.74 -20.46
#